data_1FHD
#
_entry.id   1FHD
#
_cell.length_a   85.343
_cell.length_b   85.343
_cell.length_c   78.604
_cell.angle_alpha   90.00
_cell.angle_beta   90.00
_cell.angle_gamma   90.00
#
_symmetry.space_group_name_H-M   'P 41 21 2'
#
loop_
_entity.id
_entity.type
_entity.pdbx_description
1 polymer BETA-1,4-XYLANASE
2 non-polymer beta-D-xylopyranose
3 non-polymer 5,6,7,8-TETRAHYDRO-IMIDAZO[1,2-A]PYRIDINE-6,7,8-TRIOL
4 water water
#
_entity_poly.entity_id   1
_entity_poly.type   'polypeptide(L)'
_entity_poly.pdbx_seq_one_letter_code
;ATTLKEAADGAGRDFGFALDPNRLSEAQYKAIADSEFNLVVAENAMKWDATEPSQNSFSFGAGDRVASYAADTGKELYGH
TLVWHSQLPDWAKNLNGSAFESAMVNHVTKVADHFEGKVASWDVVNEAFADGGGRRQDSAFQQKLGNGYIETAFRAARAA
DPTAKLCINDYNVEGINAKSNSLYDLVKDFKARGVPLDCVGFQSHLIVGQVPGDFRQNLQRFADLGVDVRITELDIRMRT
PSDATKLATQAADYKKVVQACMQVTRCQGVTVWGITDKYSWVPDVFPGEGAALVWDASYAKKPAYAAVMEAF
;
_entity_poly.pdbx_strand_id   A
#
loop_
_chem_comp.id
_chem_comp.type
_chem_comp.name
_chem_comp.formula
XIM non-polymer 5,6,7,8-TETRAHYDRO-IMIDAZO[1,2-A]PYRIDINE-6,7,8-TRIOL 'C7 H10 N2 O3'
XYP D-saccharide, beta linking beta-D-xylopyranose 'C5 H10 O5'
#
# COMPACT_ATOMS: atom_id res chain seq x y z
N ALA A 1 0.77 19.33 -14.20
CA ALA A 1 1.12 20.57 -14.96
C ALA A 1 2.16 21.35 -14.17
N THR A 2 1.80 21.74 -12.95
CA THR A 2 2.68 22.50 -12.07
C THR A 2 3.03 21.63 -10.88
N THR A 3 2.12 20.74 -10.51
CA THR A 3 2.36 19.85 -9.39
C THR A 3 2.07 18.41 -9.80
N LEU A 4 2.50 17.46 -8.97
CA LEU A 4 2.24 16.05 -9.28
C LEU A 4 0.74 15.79 -9.16
N LYS A 5 0.08 16.45 -8.22
CA LYS A 5 -1.36 16.29 -8.05
C LYS A 5 -2.08 16.69 -9.34
N GLU A 6 -1.69 17.83 -9.89
CA GLU A 6 -2.27 18.32 -11.14
C GLU A 6 -2.02 17.31 -12.26
N ALA A 7 -0.83 16.74 -12.30
CA ALA A 7 -0.51 15.78 -13.34
C ALA A 7 -1.43 14.55 -13.22
N ALA A 8 -1.53 14.01 -12.00
CA ALA A 8 -2.37 12.84 -11.74
C ALA A 8 -3.85 13.16 -11.94
N ASP A 9 -4.31 14.29 -11.40
CA ASP A 9 -5.70 14.70 -11.57
C ASP A 9 -6.02 14.77 -13.06
N GLY A 10 -5.18 15.49 -13.80
CA GLY A 10 -5.39 15.63 -15.22
C GLY A 10 -5.39 14.32 -15.98
N ALA A 11 -4.65 13.35 -15.46
CA ALA A 11 -4.58 12.03 -16.09
C ALA A 11 -5.79 11.17 -15.74
N GLY A 12 -6.49 11.53 -14.66
CA GLY A 12 -7.65 10.77 -14.24
C GLY A 12 -7.20 9.59 -13.38
N ARG A 13 -6.08 9.75 -12.68
CA ARG A 13 -5.56 8.69 -11.83
C ARG A 13 -5.25 9.28 -10.45
N ASP A 14 -4.88 8.39 -9.52
CA ASP A 14 -4.54 8.80 -8.16
C ASP A 14 -3.03 8.84 -7.97
N PHE A 15 -2.57 9.74 -7.12
CA PHE A 15 -1.16 9.84 -6.77
C PHE A 15 -1.19 10.16 -5.28
N GLY A 16 -0.96 9.15 -4.46
CA GLY A 16 -1.01 9.34 -3.02
C GLY A 16 0.31 9.19 -2.30
N PHE A 17 0.28 9.37 -0.99
CA PHE A 17 1.47 9.24 -0.16
C PHE A 17 1.12 8.58 1.17
N ALA A 18 2.11 7.95 1.79
CA ALA A 18 1.92 7.32 3.09
C ALA A 18 2.09 8.44 4.11
N LEU A 19 1.03 8.70 4.87
CA LEU A 19 1.01 9.76 5.86
C LEU A 19 1.26 9.34 7.30
N ASP A 20 2.06 10.15 8.01
CA ASP A 20 2.32 9.95 9.43
C ASP A 20 1.63 11.18 9.99
N PRO A 21 0.46 11.00 10.62
CA PRO A 21 -0.29 12.14 11.19
C PRO A 21 0.50 13.07 12.10
N ASN A 22 1.51 12.54 12.80
CA ASN A 22 2.30 13.40 13.69
C ASN A 22 3.11 14.43 12.93
N ARG A 23 3.47 14.10 11.69
CA ARG A 23 4.26 15.02 10.87
C ARG A 23 3.44 16.21 10.37
N LEU A 24 2.12 16.13 10.48
CA LEU A 24 1.28 17.23 10.02
C LEU A 24 1.59 18.53 10.80
N SER A 25 2.16 18.40 11.99
CA SER A 25 2.50 19.59 12.79
C SER A 25 3.77 20.23 12.23
N GLU A 26 4.39 19.58 11.24
CA GLU A 26 5.58 20.13 10.60
C GLU A 26 5.05 20.79 9.32
N ALA A 27 5.01 22.12 9.34
CA ALA A 27 4.47 22.92 8.23
C ALA A 27 4.87 22.52 6.81
N GLN A 28 6.16 22.33 6.56
CA GLN A 28 6.66 21.95 5.24
C GLN A 28 6.04 20.63 4.80
N TYR A 29 6.03 19.68 5.72
CA TYR A 29 5.48 18.36 5.44
C TYR A 29 4.02 18.51 5.02
N LYS A 30 3.27 19.29 5.80
CA LYS A 30 1.86 19.51 5.50
C LYS A 30 1.65 20.21 4.16
N ALA A 31 2.48 21.20 3.86
CA ALA A 31 2.36 21.95 2.62
C ALA A 31 2.46 21.07 1.39
N ILE A 32 3.45 20.19 1.38
CA ILE A 32 3.66 19.28 0.27
C ILE A 32 2.53 18.25 0.21
N ALA A 33 2.12 17.76 1.38
CA ALA A 33 1.04 16.78 1.45
C ALA A 33 -0.24 17.37 0.87
N ASP A 34 -0.56 18.59 1.28
CA ASP A 34 -1.76 19.27 0.81
C ASP A 34 -1.81 19.50 -0.70
N SER A 35 -0.69 19.91 -1.28
CA SER A 35 -0.66 20.24 -2.69
C SER A 35 -0.11 19.27 -3.72
N GLU A 36 0.55 18.20 -3.29
CA GLU A 36 1.14 17.29 -4.27
C GLU A 36 0.49 15.93 -4.46
N PHE A 37 -0.55 15.64 -3.67
CA PHE A 37 -1.22 14.36 -3.78
C PHE A 37 -2.74 14.50 -3.76
N ASN A 38 -3.43 13.48 -4.27
CA ASN A 38 -4.88 13.46 -4.28
C ASN A 38 -5.40 12.21 -3.58
N LEU A 39 -4.50 11.51 -2.89
CA LEU A 39 -4.86 10.31 -2.18
C LEU A 39 -3.95 10.15 -0.98
N VAL A 40 -4.48 9.59 0.10
CA VAL A 40 -3.68 9.38 1.29
C VAL A 40 -3.92 8.01 1.91
N VAL A 41 -2.86 7.45 2.48
CA VAL A 41 -2.92 6.16 3.15
C VAL A 41 -2.12 6.32 4.44
N ALA A 42 -2.57 5.66 5.50
CA ALA A 42 -1.88 5.73 6.78
C ALA A 42 -0.64 4.85 6.71
N GLU A 43 0.52 5.43 7.01
CA GLU A 43 1.75 4.64 6.99
C GLU A 43 1.76 3.61 8.12
N ASN A 44 1.15 3.97 9.26
CA ASN A 44 1.10 3.08 10.42
C ASN A 44 -0.16 3.15 11.27
N ALA A 45 -0.83 4.31 11.26
CA ALA A 45 -2.02 4.54 12.09
C ALA A 45 -3.20 3.59 11.96
N MET A 46 -3.34 2.88 10.84
CA MET A 46 -4.48 1.98 10.72
C MET A 46 -4.09 0.49 10.80
N LYS A 47 -2.86 0.23 11.22
CA LYS A 47 -2.39 -1.13 11.37
C LYS A 47 -2.97 -1.70 12.66
N TRP A 48 -2.90 -3.01 12.80
CA TRP A 48 -3.42 -3.68 13.99
C TRP A 48 -2.82 -3.14 15.29
N ASP A 49 -1.50 -3.04 15.35
CA ASP A 49 -0.83 -2.55 16.56
C ASP A 49 -1.26 -1.15 16.94
N ALA A 50 -1.67 -0.36 15.96
CA ALA A 50 -2.10 1.02 16.20
C ALA A 50 -3.59 1.14 16.51
N THR A 51 -4.37 0.13 16.13
CA THR A 51 -5.81 0.17 16.33
C THR A 51 -6.38 -0.72 17.43
N GLU A 52 -5.76 -1.87 17.68
CA GLU A 52 -6.25 -2.77 18.72
C GLU A 52 -5.07 -3.29 19.57
N PRO A 53 -4.53 -2.42 20.44
CA PRO A 53 -3.40 -2.70 21.33
C PRO A 53 -3.65 -3.82 22.34
N SER A 54 -4.91 -3.99 22.75
CA SER A 54 -5.32 -5.04 23.68
C SER A 54 -6.59 -5.64 23.10
N GLN A 55 -6.92 -6.88 23.45
CA GLN A 55 -8.10 -7.51 22.85
C GLN A 55 -9.42 -6.75 23.02
N ASN A 56 -10.03 -6.47 21.88
CA ASN A 56 -11.29 -5.75 21.78
C ASN A 56 -11.27 -4.35 22.40
N SER A 57 -10.08 -3.79 22.51
CA SER A 57 -9.92 -2.43 23.02
C SER A 57 -9.28 -1.63 21.88
N PHE A 58 -10.05 -0.72 21.30
CA PHE A 58 -9.55 0.04 20.16
C PHE A 58 -9.05 1.47 20.40
N SER A 59 -8.03 1.82 19.64
CA SER A 59 -7.39 3.13 19.74
C SER A 59 -7.45 3.73 18.34
N PHE A 60 -8.50 4.49 18.05
CA PHE A 60 -8.69 5.10 16.73
C PHE A 60 -8.21 6.54 16.55
N GLY A 61 -7.65 7.13 17.60
CA GLY A 61 -7.18 8.51 17.51
C GLY A 61 -6.32 8.83 16.31
N ALA A 62 -5.22 8.09 16.16
CA ALA A 62 -4.29 8.32 15.06
C ALA A 62 -4.94 8.03 13.71
N GLY A 63 -5.70 6.95 13.64
CA GLY A 63 -6.38 6.60 12.40
C GLY A 63 -7.39 7.67 12.04
N ASP A 64 -8.13 8.15 13.04
CA ASP A 64 -9.12 9.19 12.81
C ASP A 64 -8.45 10.44 12.25
N ARG A 65 -7.30 10.79 12.80
CA ARG A 65 -6.58 11.97 12.35
C ARG A 65 -6.22 11.89 10.87
N VAL A 66 -5.81 10.71 10.41
CA VAL A 66 -5.48 10.51 9.01
C VAL A 66 -6.76 10.66 8.18
N ALA A 67 -7.84 10.05 8.66
CA ALA A 67 -9.11 10.11 7.95
C ALA A 67 -9.62 11.54 7.85
N SER A 68 -9.53 12.28 8.95
CA SER A 68 -9.98 13.67 8.98
C SER A 68 -9.16 14.52 8.00
N TYR A 69 -7.87 14.22 7.91
CA TYR A 69 -6.98 14.96 7.01
C TYR A 69 -7.45 14.80 5.56
N ALA A 70 -7.73 13.56 5.16
CA ALA A 70 -8.18 13.28 3.81
C ALA A 70 -9.49 14.02 3.51
N ALA A 71 -10.43 13.93 4.44
CA ALA A 71 -11.71 14.61 4.26
C ALA A 71 -11.52 16.12 4.21
N ASP A 72 -10.69 16.64 5.10
CA ASP A 72 -10.45 18.08 5.13
C ASP A 72 -9.76 18.62 3.88
N THR A 73 -8.93 17.80 3.23
CA THR A 73 -8.22 18.25 2.06
C THR A 73 -8.83 17.75 0.74
N GLY A 74 -9.89 16.97 0.86
CA GLY A 74 -10.55 16.45 -0.32
C GLY A 74 -9.76 15.36 -1.04
N LYS A 75 -9.07 14.51 -0.29
CA LYS A 75 -8.30 13.43 -0.91
C LYS A 75 -8.90 12.07 -0.66
N GLU A 76 -8.72 11.17 -1.63
CA GLU A 76 -9.21 9.80 -1.49
C GLU A 76 -8.47 9.16 -0.32
N LEU A 77 -9.17 8.32 0.45
CA LEU A 77 -8.56 7.66 1.60
C LEU A 77 -8.40 6.17 1.29
N TYR A 78 -7.18 5.68 1.46
CA TYR A 78 -6.86 4.27 1.22
C TYR A 78 -6.56 3.65 2.59
N GLY A 79 -7.22 2.55 2.92
CA GLY A 79 -7.00 1.90 4.20
C GLY A 79 -5.84 0.91 4.17
N HIS A 80 -5.04 0.81 5.21
CA HIS A 80 -3.90 -0.10 5.36
C HIS A 80 -3.59 -0.27 6.84
N THR A 81 -3.67 -1.49 7.39
CA THR A 81 -4.06 -2.73 6.70
C THR A 81 -4.70 -3.61 7.77
N LEU A 82 -5.83 -4.57 7.30
CA LEU A 82 -6.56 -5.12 8.43
C LEU A 82 -5.89 -6.40 8.91
N VAL A 83 -5.36 -7.17 7.97
CA VAL A 83 -4.70 -8.44 8.32
C VAL A 83 -3.28 -8.50 7.76
N TRP A 84 -2.31 -8.52 8.67
CA TRP A 84 -0.91 -8.55 8.28
C TRP A 84 -0.10 -9.28 9.36
N HIS A 85 0.89 -10.08 8.94
CA HIS A 85 1.68 -10.83 9.91
C HIS A 85 2.61 -9.96 10.76
N SER A 86 2.91 -8.76 10.27
CA SER A 86 3.81 -7.84 10.97
C SER A 86 3.04 -6.79 11.77
N GLN A 87 3.70 -6.22 12.77
CA GLN A 87 3.10 -5.22 13.64
C GLN A 87 1.80 -5.74 14.20
N LEU A 88 1.84 -6.99 14.63
CA LEU A 88 0.71 -7.71 15.23
C LEU A 88 1.04 -7.81 16.72
N PRO A 89 0.16 -7.27 17.59
CA PRO A 89 0.43 -7.34 19.02
C PRO A 89 0.55 -8.75 19.59
N ASP A 90 1.36 -8.88 20.63
CA ASP A 90 1.59 -10.18 21.26
C ASP A 90 0.34 -10.88 21.76
N TRP A 91 -0.67 -10.13 22.20
CA TRP A 91 -1.89 -10.76 22.71
C TRP A 91 -2.57 -11.56 21.61
N ALA A 92 -2.50 -11.05 20.37
CA ALA A 92 -3.11 -11.74 19.25
C ALA A 92 -2.31 -13.01 18.95
N LYS A 93 -0.99 -12.87 18.96
CA LYS A 93 -0.12 -14.01 18.69
C LYS A 93 -0.28 -15.13 19.72
N ASN A 94 -0.73 -14.80 20.92
CA ASN A 94 -0.90 -15.79 21.98
C ASN A 94 -2.21 -16.57 21.88
N LEU A 95 -3.06 -16.19 20.94
CA LEU A 95 -4.33 -16.86 20.75
C LEU A 95 -4.13 -17.95 19.71
N ASN A 96 -5.01 -18.95 19.72
CA ASN A 96 -4.93 -20.05 18.77
C ASN A 96 -6.32 -20.49 18.36
N GLY A 97 -6.39 -21.35 17.34
CA GLY A 97 -7.66 -21.86 16.87
C GLY A 97 -8.78 -20.83 16.74
N SER A 98 -9.98 -21.23 17.15
CA SER A 98 -11.15 -20.37 17.08
C SER A 98 -10.97 -19.06 17.81
N ALA A 99 -10.14 -19.07 18.85
CA ALA A 99 -9.91 -17.84 19.61
C ALA A 99 -9.19 -16.84 18.71
N PHE A 100 -8.20 -17.33 17.97
CA PHE A 100 -7.42 -16.49 17.07
C PHE A 100 -8.24 -16.04 15.86
N GLU A 101 -9.04 -16.95 15.32
CA GLU A 101 -9.87 -16.60 14.16
C GLU A 101 -10.89 -15.53 14.54
N SER A 102 -11.46 -15.64 15.72
CA SER A 102 -12.45 -14.66 16.17
C SER A 102 -11.81 -13.29 16.37
N ALA A 103 -10.63 -13.28 16.97
CA ALA A 103 -9.90 -12.04 17.21
C ALA A 103 -9.65 -11.36 15.86
N MET A 104 -9.29 -12.15 14.85
CA MET A 104 -9.02 -11.63 13.52
C MET A 104 -10.28 -11.02 12.92
N VAL A 105 -11.36 -11.81 12.91
CA VAL A 105 -12.61 -11.35 12.34
C VAL A 105 -13.16 -10.15 13.09
N ASN A 106 -12.99 -10.13 14.42
CA ASN A 106 -13.49 -9.01 15.20
C ASN A 106 -12.67 -7.78 14.84
N HIS A 107 -11.37 -7.97 14.66
CA HIS A 107 -10.50 -6.85 14.30
C HIS A 107 -10.92 -6.26 12.96
N VAL A 108 -11.09 -7.12 11.98
CA VAL A 108 -11.49 -6.69 10.65
C VAL A 108 -12.83 -5.95 10.71
N THR A 109 -13.81 -6.53 11.40
CA THR A 109 -15.12 -5.91 11.50
C THR A 109 -15.10 -4.54 12.17
N LYS A 110 -14.49 -4.44 13.34
CA LYS A 110 -14.42 -3.18 14.07
C LYS A 110 -13.75 -2.06 13.30
N VAL A 111 -12.61 -2.35 12.68
CA VAL A 111 -11.89 -1.32 11.95
C VAL A 111 -12.62 -0.91 10.68
N ALA A 112 -13.11 -1.89 9.92
CA ALA A 112 -13.84 -1.58 8.69
C ALA A 112 -15.09 -0.77 9.02
N ASP A 113 -15.82 -1.20 10.05
CA ASP A 113 -17.03 -0.50 10.45
C ASP A 113 -16.72 0.92 10.86
N HIS A 114 -15.71 1.08 11.71
CA HIS A 114 -15.32 2.40 12.19
C HIS A 114 -15.01 3.41 11.08
N PHE A 115 -14.35 2.96 10.02
CA PHE A 115 -13.98 3.86 8.92
C PHE A 115 -14.90 3.76 7.69
N GLU A 116 -15.99 3.03 7.85
CA GLU A 116 -16.95 2.85 6.75
C GLU A 116 -17.41 4.18 6.19
N GLY A 117 -17.39 4.30 4.86
CA GLY A 117 -17.83 5.55 4.24
C GLY A 117 -16.74 6.60 4.17
N LYS A 118 -15.61 6.34 4.81
CA LYS A 118 -14.48 7.27 4.80
C LYS A 118 -13.35 6.63 4.02
N VAL A 119 -12.95 5.43 4.45
CA VAL A 119 -11.93 4.68 3.75
C VAL A 119 -12.61 4.11 2.50
N ALA A 120 -12.07 4.43 1.34
CA ALA A 120 -12.64 3.98 0.07
C ALA A 120 -12.19 2.59 -0.36
N SER A 121 -10.98 2.21 0.04
CA SER A 121 -10.43 0.90 -0.31
C SER A 121 -9.61 0.36 0.87
N TRP A 122 -9.57 -0.97 0.99
CA TRP A 122 -8.82 -1.60 2.07
C TRP A 122 -7.80 -2.66 1.65
N ASP A 123 -6.63 -2.62 2.27
CA ASP A 123 -5.65 -3.67 2.06
C ASP A 123 -6.16 -4.67 3.10
N VAL A 124 -7.13 -5.49 2.72
CA VAL A 124 -7.69 -6.46 3.64
C VAL A 124 -6.63 -7.42 4.14
N VAL A 125 -5.87 -7.99 3.22
CA VAL A 125 -4.79 -8.89 3.57
C VAL A 125 -3.51 -8.38 2.93
N ASN A 126 -2.45 -8.35 3.73
CA ASN A 126 -1.15 -7.87 3.26
C ASN A 126 -0.10 -8.97 3.36
N GLU A 127 0.67 -9.12 2.29
CA GLU A 127 1.77 -10.08 2.21
C GLU A 127 1.46 -11.52 2.64
N ALA A 128 0.48 -12.12 1.97
CA ALA A 128 0.09 -13.50 2.27
C ALA A 128 0.99 -14.52 1.59
N PHE A 129 1.71 -14.11 0.54
CA PHE A 129 2.55 -15.06 -0.19
C PHE A 129 4.05 -14.99 0.10
N ALA A 130 4.80 -15.93 -0.48
CA ALA A 130 6.24 -15.98 -0.28
C ALA A 130 7.04 -15.93 -1.56
N ASP A 131 8.21 -15.28 -1.49
CA ASP A 131 9.08 -15.20 -2.66
C ASP A 131 9.31 -16.67 -3.01
N GLY A 132 9.21 -17.00 -4.30
CA GLY A 132 9.41 -18.37 -4.71
C GLY A 132 8.10 -19.11 -4.85
N GLY A 133 6.99 -18.44 -4.51
CA GLY A 133 5.69 -19.06 -4.63
C GLY A 133 5.16 -19.68 -3.36
N GLY A 134 3.84 -19.85 -3.30
CA GLY A 134 3.22 -20.44 -2.13
C GLY A 134 2.90 -19.41 -1.06
N ARG A 135 2.46 -19.89 0.10
CA ARG A 135 2.09 -19.01 1.22
C ARG A 135 3.29 -18.58 2.06
N ARG A 136 3.16 -17.45 2.73
CA ARG A 136 4.21 -16.93 3.60
C ARG A 136 4.43 -17.90 4.75
N GLN A 137 5.71 -18.16 5.06
CA GLN A 137 6.07 -19.10 6.12
C GLN A 137 6.26 -18.56 7.54
N ASP A 138 6.27 -17.26 7.72
CA ASP A 138 6.44 -16.70 9.07
C ASP A 138 5.23 -15.86 9.49
N SER A 139 4.05 -16.26 9.03
CA SER A 139 2.81 -15.55 9.35
C SER A 139 1.96 -16.28 10.40
N ALA A 140 1.54 -15.52 11.41
CA ALA A 140 0.71 -16.07 12.49
C ALA A 140 -0.62 -16.53 11.91
N PHE A 141 -1.12 -15.80 10.93
CA PHE A 141 -2.39 -16.16 10.31
C PHE A 141 -2.29 -17.47 9.53
N GLN A 142 -1.23 -17.62 8.73
CA GLN A 142 -1.05 -18.83 7.96
C GLN A 142 -0.82 -20.04 8.88
N GLN A 143 0.02 -19.84 9.90
CA GLN A 143 0.36 -20.89 10.86
C GLN A 143 -0.80 -21.34 11.74
N LYS A 144 -1.58 -20.39 12.24
CA LYS A 144 -2.69 -20.71 13.11
C LYS A 144 -4.02 -21.03 12.42
N LEU A 145 -4.22 -20.46 11.23
CA LEU A 145 -5.49 -20.64 10.51
C LEU A 145 -5.47 -21.38 9.18
N GLY A 146 -4.30 -21.48 8.54
CA GLY A 146 -4.23 -22.19 7.27
C GLY A 146 -4.62 -21.33 6.07
N ASN A 147 -4.78 -21.99 4.92
CA ASN A 147 -5.10 -21.28 3.68
C ASN A 147 -6.39 -20.47 3.64
N GLY A 148 -7.40 -20.90 4.38
CA GLY A 148 -8.67 -20.20 4.34
C GLY A 148 -8.80 -18.85 5.04
N TYR A 149 -7.76 -18.41 5.74
CA TYR A 149 -7.88 -17.14 6.45
C TYR A 149 -8.09 -15.94 5.52
N ILE A 150 -7.49 -15.98 4.35
CA ILE A 150 -7.63 -14.89 3.38
C ILE A 150 -9.09 -14.73 2.96
N GLU A 151 -9.73 -15.82 2.57
CA GLU A 151 -11.13 -15.73 2.18
C GLU A 151 -11.97 -15.26 3.36
N THR A 152 -11.67 -15.81 4.54
CA THR A 152 -12.40 -15.41 5.74
C THR A 152 -12.31 -13.90 5.96
N ALA A 153 -11.09 -13.37 5.88
CA ALA A 153 -10.86 -11.95 6.07
C ALA A 153 -11.62 -11.10 5.08
N PHE A 154 -11.60 -11.50 3.81
CA PHE A 154 -12.31 -10.72 2.81
C PHE A 154 -13.83 -10.76 2.99
N ARG A 155 -14.39 -11.93 3.27
CA ARG A 155 -15.84 -12.04 3.47
C ARG A 155 -16.25 -11.22 4.69
N ALA A 156 -15.41 -11.20 5.72
CA ALA A 156 -15.69 -10.44 6.92
C ALA A 156 -15.67 -8.94 6.62
N ALA A 157 -14.73 -8.53 5.76
CA ALA A 157 -14.59 -7.12 5.38
C ALA A 157 -15.81 -6.65 4.58
N ARG A 158 -16.31 -7.49 3.69
CA ARG A 158 -17.48 -7.13 2.89
C ARG A 158 -18.71 -7.07 3.79
N ALA A 159 -18.76 -8.00 4.75
CA ALA A 159 -19.86 -8.09 5.70
C ALA A 159 -19.97 -6.78 6.45
N ALA A 160 -18.82 -6.24 6.86
CA ALA A 160 -18.77 -4.99 7.59
C ALA A 160 -19.01 -3.79 6.67
N ASP A 161 -18.28 -3.73 5.56
CA ASP A 161 -18.42 -2.62 4.61
C ASP A 161 -18.88 -3.14 3.25
N PRO A 162 -20.16 -2.96 2.92
CA PRO A 162 -20.73 -3.41 1.65
C PRO A 162 -20.18 -2.81 0.36
N THR A 163 -19.66 -1.59 0.43
CA THR A 163 -19.17 -0.96 -0.80
C THR A 163 -17.67 -0.71 -0.95
N ALA A 164 -16.92 -0.77 0.13
CA ALA A 164 -15.48 -0.52 0.05
C ALA A 164 -14.78 -1.46 -0.94
N LYS A 165 -13.74 -0.95 -1.60
CA LYS A 165 -12.96 -1.75 -2.53
C LYS A 165 -12.00 -2.59 -1.67
N LEU A 166 -12.16 -3.92 -1.72
CA LEU A 166 -11.33 -4.82 -0.94
C LEU A 166 -10.13 -5.31 -1.74
N CYS A 167 -8.94 -4.91 -1.30
CA CYS A 167 -7.70 -5.28 -1.99
C CYS A 167 -6.80 -6.25 -1.25
N ILE A 168 -5.99 -6.97 -2.01
CA ILE A 168 -4.99 -7.85 -1.43
C ILE A 168 -3.70 -7.16 -1.88
N ASN A 169 -2.74 -7.02 -0.96
CA ASN A 169 -1.50 -6.29 -1.25
C ASN A 169 -0.25 -7.15 -1.02
N ASP A 170 0.80 -6.92 -1.82
CA ASP A 170 2.04 -7.67 -1.66
C ASP A 170 3.25 -7.03 -2.37
N TYR A 171 4.43 -7.59 -2.12
CA TYR A 171 5.65 -7.08 -2.72
C TYR A 171 6.39 -8.22 -3.44
N ASN A 172 7.31 -7.86 -4.32
CA ASN A 172 8.06 -8.84 -5.10
C ASN A 172 7.10 -9.56 -6.05
N VAL A 173 5.98 -8.90 -6.32
CA VAL A 173 4.95 -9.42 -7.21
C VAL A 173 4.74 -8.46 -8.38
N GLU A 174 5.68 -7.53 -8.55
CA GLU A 174 5.60 -6.56 -9.64
C GLU A 174 5.83 -7.26 -10.98
N GLY A 175 6.75 -8.21 -10.99
CA GLY A 175 7.02 -8.95 -12.22
C GLY A 175 6.29 -10.28 -12.19
N ILE A 176 6.31 -10.99 -13.32
CA ILE A 176 5.67 -12.29 -13.42
C ILE A 176 6.66 -13.32 -12.89
N ASN A 177 6.35 -13.91 -11.74
CA ASN A 177 7.21 -14.90 -11.12
C ASN A 177 6.35 -15.84 -10.25
N ALA A 178 7.00 -16.78 -9.57
CA ALA A 178 6.30 -17.74 -8.72
C ALA A 178 5.37 -17.08 -7.70
N LYS A 179 5.86 -16.00 -7.07
CA LYS A 179 5.07 -15.30 -6.08
C LYS A 179 3.83 -14.64 -6.68
N SER A 180 4.00 -13.87 -7.76
CA SER A 180 2.87 -13.19 -8.38
C SER A 180 1.94 -14.21 -9.05
N ASN A 181 2.50 -15.33 -9.48
CA ASN A 181 1.69 -16.37 -10.11
C ASN A 181 0.74 -16.97 -9.08
N SER A 182 1.25 -17.23 -7.88
CA SER A 182 0.41 -17.80 -6.84
C SER A 182 -0.64 -16.76 -6.43
N LEU A 183 -0.25 -15.49 -6.44
CA LEU A 183 -1.17 -14.40 -6.10
C LEU A 183 -2.24 -14.36 -7.19
N TYR A 184 -1.79 -14.58 -8.42
CA TYR A 184 -2.67 -14.60 -9.60
C TYR A 184 -3.74 -15.68 -9.46
N ASP A 185 -3.33 -16.89 -9.08
CA ASP A 185 -4.29 -17.99 -8.93
C ASP A 185 -5.35 -17.71 -7.88
N LEU A 186 -4.92 -17.08 -6.77
CA LEU A 186 -5.84 -16.74 -5.68
C LEU A 186 -6.89 -15.76 -6.16
N VAL A 187 -6.46 -14.69 -6.83
CA VAL A 187 -7.38 -13.69 -7.33
C VAL A 187 -8.39 -14.30 -8.30
N LYS A 188 -7.90 -15.11 -9.23
CA LYS A 188 -8.75 -15.77 -10.21
C LYS A 188 -9.77 -16.67 -9.50
N ASP A 189 -9.30 -17.42 -8.51
CA ASP A 189 -10.17 -18.32 -7.74
C ASP A 189 -11.27 -17.52 -7.04
N PHE A 190 -10.88 -16.43 -6.39
CA PHE A 190 -11.85 -15.59 -5.67
C PHE A 190 -12.92 -15.04 -6.59
N LYS A 191 -12.52 -14.41 -7.69
CA LYS A 191 -13.50 -13.86 -8.61
C LYS A 191 -14.40 -14.99 -9.14
N ALA A 192 -13.78 -16.13 -9.44
CA ALA A 192 -14.52 -17.28 -9.94
C ALA A 192 -15.63 -17.76 -9.02
N ARG A 193 -15.38 -17.72 -7.71
CA ARG A 193 -16.35 -18.19 -6.72
C ARG A 193 -17.18 -17.10 -6.04
N GLY A 194 -16.98 -15.86 -6.44
CA GLY A 194 -17.75 -14.78 -5.85
C GLY A 194 -17.27 -14.31 -4.49
N VAL A 195 -16.01 -14.62 -4.16
CA VAL A 195 -15.43 -14.17 -2.90
C VAL A 195 -15.16 -12.67 -3.12
N PRO A 196 -15.63 -11.80 -2.22
CA PRO A 196 -15.41 -10.36 -2.35
C PRO A 196 -13.93 -10.02 -2.52
N LEU A 197 -13.61 -9.39 -3.66
CA LEU A 197 -12.24 -8.98 -3.98
C LEU A 197 -12.37 -8.00 -5.15
N ASP A 198 -11.86 -6.79 -4.98
CA ASP A 198 -12.00 -5.77 -6.02
C ASP A 198 -10.68 -5.19 -6.54
N CYS A 199 -9.59 -5.41 -5.82
CA CYS A 199 -8.33 -4.82 -6.23
C CYS A 199 -7.09 -5.55 -5.75
N VAL A 200 -5.99 -5.35 -6.48
CA VAL A 200 -4.72 -5.96 -6.15
C VAL A 200 -3.67 -4.86 -6.06
N GLY A 201 -2.90 -4.86 -4.97
CA GLY A 201 -1.87 -3.85 -4.81
C GLY A 201 -0.47 -4.40 -4.97
N PHE A 202 0.35 -3.67 -5.72
CA PHE A 202 1.73 -4.02 -5.98
C PHE A 202 2.59 -2.93 -5.31
N GLN A 203 3.09 -3.26 -4.12
CA GLN A 203 3.88 -2.34 -3.31
C GLN A 203 4.96 -1.57 -4.05
N SER A 204 5.78 -2.29 -4.82
CA SER A 204 6.84 -1.68 -5.60
C SER A 204 7.95 -1.05 -4.78
N HIS A 205 8.43 -1.77 -3.78
CA HIS A 205 9.56 -1.28 -2.97
C HIS A 205 10.74 -1.78 -3.80
N LEU A 206 11.14 -0.96 -4.76
CA LEU A 206 12.20 -1.30 -5.69
C LEU A 206 13.57 -0.73 -5.36
N ILE A 207 14.57 -1.22 -6.09
CA ILE A 207 15.95 -0.81 -5.95
C ILE A 207 16.33 -0.08 -7.23
N VAL A 208 17.05 1.03 -7.10
CA VAL A 208 17.44 1.81 -8.26
C VAL A 208 18.12 0.96 -9.33
N GLY A 209 17.59 1.07 -10.55
CA GLY A 209 18.11 0.32 -11.67
C GLY A 209 17.44 -1.03 -11.85
N GLN A 210 16.46 -1.33 -11.02
CA GLN A 210 15.81 -2.62 -11.12
C GLN A 210 14.29 -2.59 -11.16
N VAL A 211 13.72 -2.26 -12.31
CA VAL A 211 12.27 -2.22 -12.47
C VAL A 211 11.87 -3.37 -13.39
N PRO A 212 10.95 -4.24 -12.95
CA PRO A 212 10.53 -5.36 -13.79
C PRO A 212 10.12 -4.86 -15.18
N GLY A 213 10.68 -5.48 -16.21
CA GLY A 213 10.33 -5.07 -17.57
C GLY A 213 8.95 -5.59 -17.96
N ASP A 214 8.46 -6.57 -17.22
CA ASP A 214 7.14 -7.13 -17.49
C ASP A 214 6.09 -6.60 -16.51
N PHE A 215 6.42 -5.52 -15.82
CA PHE A 215 5.50 -4.91 -14.86
C PHE A 215 4.14 -4.64 -15.49
N ARG A 216 4.12 -3.95 -16.63
CA ARG A 216 2.86 -3.65 -17.30
C ARG A 216 2.09 -4.90 -17.68
N GLN A 217 2.79 -5.88 -18.25
CA GLN A 217 2.14 -7.11 -18.66
C GLN A 217 1.51 -7.80 -17.46
N ASN A 218 2.21 -7.78 -16.34
CA ASN A 218 1.72 -8.40 -15.11
C ASN A 218 0.48 -7.66 -14.61
N LEU A 219 0.53 -6.33 -14.60
CA LEU A 219 -0.61 -5.54 -14.15
C LEU A 219 -1.81 -5.81 -15.04
N GLN A 220 -1.57 -5.96 -16.34
CA GLN A 220 -2.66 -6.19 -17.27
C GLN A 220 -3.36 -7.53 -17.07
N ARG A 221 -2.61 -8.59 -16.82
CA ARG A 221 -3.23 -9.90 -16.64
C ARG A 221 -4.11 -9.92 -15.39
N PHE A 222 -3.72 -9.18 -14.36
CA PHE A 222 -4.54 -9.11 -13.15
C PHE A 222 -5.77 -8.25 -13.45
N ALA A 223 -5.56 -7.13 -14.14
CA ALA A 223 -6.67 -6.26 -14.49
C ALA A 223 -7.68 -7.08 -15.29
N ASP A 224 -7.20 -7.96 -16.15
CA ASP A 224 -8.09 -8.77 -16.96
C ASP A 224 -8.90 -9.82 -16.20
N LEU A 225 -8.56 -10.08 -14.95
CA LEU A 225 -9.32 -11.03 -14.15
C LEU A 225 -10.56 -10.35 -13.59
N GLY A 226 -10.71 -9.08 -13.92
CA GLY A 226 -11.86 -8.32 -13.45
C GLY A 226 -11.64 -7.60 -12.13
N VAL A 227 -10.44 -7.06 -11.92
CA VAL A 227 -10.15 -6.33 -10.69
C VAL A 227 -9.28 -5.12 -11.01
N ASP A 228 -9.30 -4.12 -10.13
CA ASP A 228 -8.48 -2.95 -10.33
C ASP A 228 -7.09 -3.25 -9.80
N VAL A 229 -6.11 -2.49 -10.25
CA VAL A 229 -4.74 -2.67 -9.79
C VAL A 229 -4.18 -1.32 -9.35
N ARG A 230 -3.13 -1.33 -8.53
CA ARG A 230 -2.57 -0.08 -8.03
C ARG A 230 -1.17 -0.25 -7.46
N ILE A 231 -0.32 0.74 -7.70
CA ILE A 231 1.04 0.72 -7.14
C ILE A 231 0.79 1.36 -5.78
N THR A 232 0.98 0.60 -4.71
CA THR A 232 0.67 1.08 -3.36
C THR A 232 1.74 1.65 -2.44
N GLU A 233 2.98 1.16 -2.54
CA GLU A 233 4.04 1.62 -1.65
C GLU A 233 5.35 1.92 -2.39
N LEU A 234 5.24 2.61 -3.51
CA LEU A 234 6.41 2.92 -4.31
C LEU A 234 7.51 3.77 -3.65
N ASP A 235 8.73 3.27 -3.79
CA ASP A 235 9.95 3.93 -3.38
C ASP A 235 11.08 3.12 -4.01
N ILE A 236 12.12 3.82 -4.44
CA ILE A 236 13.22 3.17 -5.13
C ILE A 236 14.51 3.55 -4.43
N ARG A 237 14.99 2.65 -3.57
CA ARG A 237 16.20 2.88 -2.78
C ARG A 237 17.55 2.72 -3.50
N MET A 238 18.53 3.51 -3.05
CA MET A 238 19.88 3.48 -3.62
C MET A 238 20.89 3.45 -2.49
N ARG A 239 22.15 3.21 -2.84
CA ARG A 239 23.22 3.21 -1.86
C ARG A 239 23.47 4.68 -1.59
N THR A 240 23.37 5.10 -0.34
CA THR A 240 23.61 6.50 -0.02
C THR A 240 25.11 6.72 0.13
N PRO A 241 25.58 7.96 -0.07
CA PRO A 241 24.78 9.14 -0.42
C PRO A 241 24.47 9.14 -1.91
N SER A 242 23.53 9.97 -2.32
CA SER A 242 23.16 10.02 -3.73
C SER A 242 24.15 10.83 -4.55
N ASP A 243 24.07 10.67 -5.86
CA ASP A 243 24.90 11.42 -6.80
C ASP A 243 24.08 11.64 -8.07
N ALA A 244 24.64 12.36 -9.03
CA ALA A 244 23.92 12.66 -10.27
C ALA A 244 23.41 11.44 -11.03
N THR A 245 24.27 10.45 -11.23
CA THR A 245 23.87 9.25 -11.95
C THR A 245 22.76 8.44 -11.25
N LYS A 246 22.90 8.23 -9.94
CA LYS A 246 21.90 7.49 -9.18
C LYS A 246 20.54 8.19 -9.24
N LEU A 247 20.55 9.50 -9.08
CA LEU A 247 19.32 10.28 -9.13
C LEU A 247 18.67 10.21 -10.51
N ALA A 248 19.49 10.17 -11.55
CA ALA A 248 18.98 10.08 -12.92
C ALA A 248 18.35 8.71 -13.14
N THR A 249 19.01 7.66 -12.68
CA THR A 249 18.49 6.31 -12.85
C THR A 249 17.18 6.21 -12.07
N GLN A 250 17.20 6.68 -10.83
CA GLN A 250 16.01 6.64 -9.98
C GLN A 250 14.84 7.34 -10.66
N ALA A 251 15.13 8.48 -11.29
CA ALA A 251 14.09 9.24 -11.98
C ALA A 251 13.52 8.37 -13.09
N ALA A 252 14.40 7.75 -13.87
CA ALA A 252 13.98 6.89 -14.97
C ALA A 252 13.14 5.71 -14.44
N ASP A 253 13.50 5.21 -13.27
CA ASP A 253 12.76 4.10 -12.67
C ASP A 253 11.38 4.54 -12.28
N TYR A 254 11.27 5.71 -11.65
CA TYR A 254 9.97 6.24 -11.27
C TYR A 254 9.10 6.37 -12.51
N LYS A 255 9.71 6.79 -13.62
CA LYS A 255 8.99 6.96 -14.86
C LYS A 255 8.44 5.63 -15.39
N LYS A 256 9.26 4.60 -15.38
CA LYS A 256 8.84 3.28 -15.84
C LYS A 256 7.64 2.78 -15.03
N VAL A 257 7.74 2.89 -13.72
CA VAL A 257 6.65 2.44 -12.84
C VAL A 257 5.36 3.18 -13.13
N VAL A 258 5.42 4.50 -13.19
CA VAL A 258 4.21 5.27 -13.46
C VAL A 258 3.66 4.99 -14.86
N GLN A 259 4.55 4.80 -15.83
CA GLN A 259 4.11 4.52 -17.19
C GLN A 259 3.42 3.17 -17.30
N ALA A 260 3.91 2.18 -16.58
CA ALA A 260 3.30 0.85 -16.62
C ALA A 260 1.86 0.98 -16.13
N CYS A 261 1.66 1.78 -15.09
CA CYS A 261 0.32 1.98 -14.55
C CYS A 261 -0.53 2.71 -15.58
N MET A 262 0.03 3.78 -16.14
CA MET A 262 -0.70 4.55 -17.14
C MET A 262 -1.09 3.68 -18.32
N GLN A 263 -0.30 2.64 -18.60
CA GLN A 263 -0.56 1.74 -19.71
C GLN A 263 -1.62 0.68 -19.45
N VAL A 264 -2.13 0.63 -18.22
CA VAL A 264 -3.17 -0.34 -17.85
C VAL A 264 -4.39 0.49 -17.44
N THR A 265 -5.46 0.40 -18.22
CA THR A 265 -6.65 1.19 -17.94
C THR A 265 -7.23 1.05 -16.53
N ARG A 266 -7.12 -0.14 -15.94
CA ARG A 266 -7.67 -0.34 -14.61
C ARG A 266 -6.68 -0.08 -13.48
N CYS A 267 -5.54 0.52 -13.80
CA CYS A 267 -4.57 0.85 -12.76
C CYS A 267 -5.03 2.18 -12.19
N GLN A 268 -5.55 2.14 -10.98
CA GLN A 268 -6.09 3.32 -10.32
C GLN A 268 -5.07 4.44 -10.11
N GLY A 269 -3.81 4.08 -9.96
CA GLY A 269 -2.80 5.10 -9.76
C GLY A 269 -1.60 4.60 -8.99
N VAL A 270 -0.80 5.56 -8.51
CA VAL A 270 0.42 5.26 -7.79
C VAL A 270 0.49 5.99 -6.46
N THR A 271 0.91 5.26 -5.43
CA THR A 271 1.05 5.80 -4.09
C THR A 271 2.52 5.61 -3.67
N VAL A 272 3.16 6.69 -3.26
CA VAL A 272 4.55 6.61 -2.81
C VAL A 272 4.58 6.43 -1.30
N TRP A 273 5.50 5.60 -0.82
CA TRP A 273 5.56 5.33 0.61
C TRP A 273 6.27 6.41 1.43
N GLY A 274 5.72 7.62 1.39
CA GLY A 274 6.29 8.73 2.12
C GLY A 274 6.47 9.93 1.22
N ILE A 275 6.89 11.04 1.81
CA ILE A 275 7.10 12.28 1.06
C ILE A 275 8.60 12.58 0.93
N THR A 276 9.27 12.69 2.07
CA THR A 276 10.67 13.03 2.12
C THR A 276 11.61 11.94 2.62
N ASP A 277 12.82 11.94 2.06
CA ASP A 277 13.85 10.97 2.44
C ASP A 277 14.21 11.09 3.90
N LYS A 278 13.94 12.24 4.50
CA LYS A 278 14.29 12.43 5.90
C LYS A 278 13.46 11.58 6.86
N TYR A 279 12.35 11.02 6.38
CA TYR A 279 11.50 10.19 7.23
C TYR A 279 11.26 8.79 6.67
N SER A 280 11.77 8.55 5.47
CA SER A 280 11.62 7.24 4.82
C SER A 280 12.01 6.08 5.74
N TRP A 281 11.25 4.99 5.67
CA TRP A 281 11.49 3.79 6.47
C TRP A 281 12.73 3.00 6.00
N VAL A 282 13.18 3.26 4.79
CA VAL A 282 14.31 2.52 4.22
C VAL A 282 15.64 2.46 4.98
N PRO A 283 16.21 3.61 5.36
CA PRO A 283 17.49 3.57 6.09
C PRO A 283 17.52 2.70 7.34
N ASP A 284 16.46 2.78 8.13
CA ASP A 284 16.36 2.00 9.37
C ASP A 284 16.27 0.49 9.14
N VAL A 285 15.98 0.06 7.91
CA VAL A 285 15.87 -1.37 7.63
C VAL A 285 17.01 -1.90 6.78
N PHE A 286 17.50 -1.06 5.87
CA PHE A 286 18.59 -1.40 4.97
C PHE A 286 19.78 -0.46 5.21
N PRO A 287 20.74 -0.88 6.03
CA PRO A 287 21.93 -0.08 6.36
C PRO A 287 22.72 0.40 5.15
N GLY A 288 22.77 1.72 4.97
CA GLY A 288 23.50 2.28 3.86
C GLY A 288 22.65 2.52 2.62
N GLU A 289 21.37 2.11 2.69
CA GLU A 289 20.44 2.30 1.59
C GLU A 289 19.46 3.41 1.96
N GLY A 290 18.99 4.16 0.97
CA GLY A 290 18.06 5.24 1.26
C GLY A 290 17.76 6.13 0.06
N ALA A 291 17.53 7.42 0.31
CA ALA A 291 17.20 8.38 -0.75
C ALA A 291 16.26 7.77 -1.77
N ALA A 292 15.24 7.08 -1.29
CA ALA A 292 14.29 6.38 -2.15
C ALA A 292 13.04 7.16 -2.55
N LEU A 293 12.81 8.31 -1.92
CA LEU A 293 11.62 9.10 -2.19
C LEU A 293 11.78 10.27 -3.18
N VAL A 294 10.67 10.97 -3.43
CA VAL A 294 10.64 12.07 -4.39
C VAL A 294 11.21 13.38 -3.87
N TRP A 295 11.18 13.58 -2.55
CA TRP A 295 11.74 14.79 -1.94
C TRP A 295 12.91 14.38 -1.05
N ASP A 296 13.98 15.18 -1.04
CA ASP A 296 15.14 14.85 -0.21
C ASP A 296 14.91 15.27 1.23
N ALA A 297 15.93 15.11 2.08
CA ALA A 297 15.82 15.43 3.50
C ALA A 297 15.58 16.92 3.81
N SER A 298 15.72 17.77 2.80
CA SER A 298 15.50 19.19 3.00
C SER A 298 14.26 19.63 2.21
N TYR A 299 13.48 18.64 1.78
CA TYR A 299 12.26 18.88 1.03
C TYR A 299 12.46 19.51 -0.33
N ALA A 300 13.62 19.26 -0.94
CA ALA A 300 13.88 19.79 -2.27
C ALA A 300 13.45 18.69 -3.22
N LYS A 301 12.78 19.06 -4.32
CA LYS A 301 12.34 18.08 -5.29
C LYS A 301 13.53 17.42 -5.98
N LYS A 302 13.54 16.10 -6.04
CA LYS A 302 14.61 15.37 -6.71
C LYS A 302 14.18 15.20 -8.16
N PRO A 303 15.12 14.85 -9.04
CA PRO A 303 14.73 14.67 -10.45
C PRO A 303 13.60 13.67 -10.69
N ALA A 304 13.30 12.84 -9.69
CA ALA A 304 12.22 11.87 -9.82
C ALA A 304 10.89 12.63 -9.95
N TYR A 305 10.85 13.83 -9.40
CA TYR A 305 9.65 14.67 -9.46
C TYR A 305 9.22 14.96 -10.90
N ALA A 306 10.16 15.42 -11.72
CA ALA A 306 9.89 15.74 -13.12
C ALA A 306 9.48 14.49 -13.89
N ALA A 307 10.15 13.37 -13.58
CA ALA A 307 9.86 12.10 -14.22
C ALA A 307 8.43 11.67 -13.97
N VAL A 308 7.95 11.84 -12.75
CA VAL A 308 6.58 11.45 -12.42
C VAL A 308 5.59 12.32 -13.17
N MET A 309 5.84 13.63 -13.19
CA MET A 309 4.97 14.56 -13.88
C MET A 309 4.84 14.17 -15.35
N GLU A 310 5.96 13.79 -15.95
CA GLU A 310 6.01 13.38 -17.35
C GLU A 310 5.18 12.12 -17.61
N ALA A 311 5.42 11.10 -16.80
CA ALA A 311 4.72 9.82 -16.95
C ALA A 311 3.20 10.00 -16.90
N PHE A 312 2.72 10.86 -16.02
CA PHE A 312 1.28 11.10 -15.90
C PHE A 312 0.77 11.90 -17.09
C1 XYP B . 6.49 0.44 7.29
C2 XYP B . 6.54 1.88 7.80
C3 XYP B . 7.50 1.99 9.00
C4 XYP B . 7.21 0.91 10.05
C5 XYP B . 7.14 -0.47 9.40
O2 XYP B . 6.98 2.72 6.75
O3 XYP B . 7.35 3.27 9.59
O4 XYP B . 8.21 0.93 11.06
O5 XYP B . 6.15 -0.47 8.36
C1 XIM C . 5.64 -3.07 3.83
C2 XIM C . 4.24 -2.78 4.49
C3 XIM C . 4.22 -1.34 5.05
C4 XIM C . 5.60 -0.95 5.65
C5 XIM C . 6.68 -0.87 4.56
N1 XIM C . 6.68 -2.14 3.91
C17 XIM C . 7.68 -2.78 3.22
C18 XIM C . 7.26 -3.98 2.78
N21 XIM C . 5.99 -4.17 3.15
O2 XIM C . 3.12 -2.96 3.66
O3 XIM C . 3.23 -1.24 6.05
O4 XIM C . 5.49 0.32 6.25
#